data_1XV0
#
_entry.id   1XV0
#
_cell.length_a   1.000
_cell.length_b   1.000
_cell.length_c   1.000
_cell.angle_alpha   90.00
_cell.angle_beta   90.00
_cell.angle_gamma   90.00
#
_symmetry.space_group_name_H-M   'P 1'
#
loop_
_entity.id
_entity.type
_entity.pdbx_description
1 polymer "5'-R(*GP*GP*UP*GP*GP*AP*GP*GP*CP*U)-3'"
2 polymer "5'-R(*GP*CP*CP*GP*AP*AP*GP*CP*CP*(P5P)-3'"
#
loop_
_entity_poly.entity_id
_entity_poly.type
_entity_poly.pdbx_seq_one_letter_code
_entity_poly.pdbx_strand_id
1 'polyribonucleotide' GGUGGAGGCU A
2 'polyribonucleotide' GCCGAAGCC(P5P) B
#
loop_
_chem_comp.id
_chem_comp.type
_chem_comp.name
_chem_comp.formula
A RNA linking ADENOSINE-5'-MONOPHOSPHATE 'C10 H14 N5 O7 P'
C RNA linking CYTIDINE-5'-MONOPHOSPHATE 'C9 H14 N3 O8 P'
G RNA linking GUANOSINE-5'-MONOPHOSPHATE 'C10 H14 N5 O8 P'
P5P RNA linking 'PURINE RIBOSIDE-5'-MONOPHOSPHATE' 'C10 H13 N4 O7 P'
U RNA linking URIDINE-5'-MONOPHOSPHATE 'C9 H13 N2 O9 P'
#
# COMPACT_ATOMS: atom_id res chain seq x y z
N1 P5P B 10 0.50 3.82 -1.62
C2 P5P B 10 1.08 3.69 -0.43
N3 P5P B 10 1.37 2.57 0.23
C4 P5P B 10 0.98 1.46 -0.46
C5 P5P B 10 0.37 1.44 -1.69
C6 P5P B 10 0.16 2.70 -2.29
N7 P5P B 10 0.07 0.13 -2.06
C8 P5P B 10 0.52 -0.59 -1.07
N9 P5P B 10 1.12 0.15 -0.07
C1' P5P B 10 1.76 -0.31 1.19
C2' P5P B 10 0.79 -0.16 2.37
O2' P5P B 10 1.52 0.11 3.55
C3' P5P B 10 0.15 -1.55 2.41
O3' P5P B 10 -0.42 -1.85 3.67
C4' P5P B 10 1.37 -2.42 2.07
O4' P5P B 10 2.11 -1.69 1.09
C5' P5P B 10 0.99 -3.82 1.58
O5' P5P B 10 0.14 -3.73 0.45
P P5P B 10 -0.42 -5.04 -0.30
OP1 P5P B 10 -0.77 -6.04 0.74
OP2 P5P B 10 -1.44 -4.59 -1.26
H2 P5P B 10 1.36 4.61 0.07
H6 P5P B 10 -0.31 2.77 -3.26
H8 P5P B 10 0.43 -1.66 -1.05
H1' P5P B 10 2.65 0.29 1.37
H2' P5P B 10 0.04 0.61 2.19
HO2' P5P B 10 0.98 -0.20 4.28
H3' P5P B 10 -0.60 -1.62 1.62
HO3' P5P B 10 -0.87 -2.69 3.61
H4' P5P B 10 1.99 -2.52 2.96
H5'1 P5P B 10 1.90 -4.38 1.32
H5'2 P5P B 10 0.48 -4.35 2.37
N1 P5P B 10 0.75 4.04 -2.14
C2 P5P B 10 1.30 3.77 -0.95
N3 P5P B 10 1.40 2.59 -0.34
C4 P5P B 10 0.86 1.58 -1.09
C5 P5P B 10 0.26 1.72 -2.31
C6 P5P B 10 0.24 3.02 -2.85
N7 P5P B 10 -0.23 0.48 -2.75
C8 P5P B 10 0.11 -0.34 -1.79
N9 P5P B 10 0.80 0.25 -0.76
C1' P5P B 10 1.37 -0.35 0.47
C2' P5P B 10 0.42 -0.11 1.66
O2' P5P B 10 1.19 0.06 2.84
C3' P5P B 10 -0.38 -1.41 1.68
O3' P5P B 10 -0.91 -1.64 2.97
C4' P5P B 10 0.69 -2.42 1.28
O4' P5P B 10 1.51 -1.76 0.33
C5' P5P B 10 0.12 -3.72 0.72
O5' P5P B 10 -0.66 -3.47 -0.44
P P5P B 10 -1.37 -4.65 -1.27
OP1 P5P B 10 -1.80 -5.70 -0.32
OP2 P5P B 10 -2.36 -4.03 -2.17
H2 P5P B 10 1.70 4.62 -0.41
H6 P5P B 10 -0.21 3.20 -3.81
H8 P5P B 10 -0.14 -1.39 -1.81
H1' P5P B 10 2.33 0.11 0.67
H2' P5P B 10 -0.23 0.75 1.50
HO2' P5P B 10 1.67 0.89 2.78
H3' P5P B 10 -1.17 -1.37 0.94
HO3' P5P B 10 -0.28 -1.27 3.59
H4' P5P B 10 1.30 -2.65 2.15
H5'1 P5P B 10 0.94 -4.39 0.47
H5'2 P5P B 10 -0.50 -4.20 1.47
N1 P5P B 10 1.55 4.01 -1.27
C2 P5P B 10 2.13 3.56 -0.15
N3 P5P B 10 2.15 2.32 0.33
C4 P5P B 10 1.47 1.45 -0.48
C5 P5P B 10 0.82 1.78 -1.65
C6 P5P B 10 0.89 3.13 -2.05
N7 P5P B 10 0.17 0.66 -2.17
C8 P5P B 10 0.47 -0.29 -1.33
N9 P5P B 10 1.29 0.11 -0.29
C1' P5P B 10 1.85 -0.67 0.83
C2' P5P B 10 1.02 -0.48 2.10
O2' P5P B 10 1.86 -0.51 3.24
C3' P5P B 10 0.08 -1.68 2.04
O3' P5P B 10 -0.39 -2.01 3.33
C4' P5P B 10 1.02 -2.74 1.46
O4' P5P B 10 1.85 -2.07 0.53
C5' P5P B 10 0.28 -3.93 0.81
O5' P5P B 10 -0.53 -3.47 -0.26
P P5P B 10 -1.40 -4.49 -1.16
OP1 P5P B 10 -1.88 -5.58 -0.29
OP2 P5P B 10 -2.38 -3.67 -1.92
H2 P5P B 10 2.65 4.30 0.43
H6 P5P B 10 0.41 3.46 -2.96
H8 P5P B 10 0.12 -1.31 -1.44
H1' P5P B 10 2.88 -0.34 1.01
H2' P5P B 10 0.45 0.46 2.07
HO2' P5P B 10 2.42 0.27 3.23
H3' P5P B 10 -0.74 -1.49 1.36
HO3' P5P B 10 0.30 -1.76 3.94
H4' P5P B 10 1.65 -3.13 2.26
H5'1 P5P B 10 1.01 -4.63 0.44
H5'2 P5P B 10 -0.34 -4.41 1.56
N1 P5P B 10 -0.02 4.03 -3.44
C2 P5P B 10 0.40 4.03 -2.17
N3 P5P B 10 0.55 3.00 -1.36
C4 P5P B 10 0.20 1.82 -1.96
C5 P5P B 10 -0.27 1.67 -3.24
C6 P5P B 10 -0.35 2.84 -4.01
N7 P5P B 10 -0.59 0.34 -3.49
C8 P5P B 10 -0.28 -0.27 -2.38
N9 P5P B 10 0.23 0.56 -1.41
C1' P5P B 10 0.70 0.24 -0.04
C2' P5P B 10 -0.39 0.55 0.99
O2' P5P B 10 0.20 1.01 2.19
C3' P5P B 10 -1.04 -0.83 1.17
O3' P5P B 10 -1.69 -0.91 2.42
C4' P5P B 10 0.18 -1.74 1.04
O4' P5P B 10 1.03 -1.13 0.07
C5' P5P B 10 -0.17 -3.19 0.66
O5' P5P B 10 -0.84 -3.22 -0.58
P P5P B 10 -1.31 -4.61 -1.26
OP1 P5P B 10 -1.72 -5.53 -0.18
OP2 P5P B 10 -2.26 -4.27 -2.34
H2 P5P B 10 0.67 5.00 -1.76
H6 P5P B 10 -0.70 2.83 -5.03
H8 P5P B 10 -0.42 -1.34 -2.23
H1' P5P B 10 1.58 0.85 0.17
H2' P5P B 10 -1.11 1.28 0.62
HO2' P5P B 10 0.59 1.88 2.04
H3' P5P B 10 -1.74 -1.01 0.34
HO3' P5P B 10 -1.18 -0.36 3.02
H4' P5P B 10 0.70 -1.74 2.00
H5'1 P5P B 10 0.75 -3.77 0.61
H5'2 P5P B 10 -0.81 -3.61 1.43
N1 P5P B 10 0.76 4.30 -2.55
C2 P5P B 10 1.21 3.94 -1.35
N3 P5P B 10 1.17 2.75 -0.77
C4 P5P B 10 0.58 1.81 -1.57
C5 P5P B 10 0.05 2.03 -2.82
C6 P5P B 10 0.18 3.34 -3.32
N7 P5P B 10 -0.53 0.86 -3.32
C8 P5P B 10 -0.33 -0.01 -2.37
N9 P5P B 10 0.37 0.49 -1.29
C1' P5P B 10 0.81 -0.20 -0.05
C2' P5P B 10 -0.19 0.07 1.08
O2' P5P B 10 0.52 0.15 2.31
C3' P5P B 10 -1.08 -1.16 1.01
O3' P5P B 10 -1.70 -1.40 2.25
C4' P5P B 10 -0.06 -2.23 0.63
O4' P5P B 10 0.86 -1.61 -0.25
C5' P5P B 10 -0.69 -3.48 -0.02
O5' P5P B 10 -1.38 -3.13 -1.19
P P5P B 10 -2.12 -4.23 -2.13
OP1 P5P B 10 -2.66 -5.28 -1.24
OP2 P5P B 10 -3.01 -3.50 -3.05
H2 P5P B 10 1.67 4.73 -0.77
H6 P5P B 10 -0.19 3.61 -4.30
H8 P5P B 10 -0.66 -1.03 -2.44
H1' P5P B 10 1.79 0.18 0.22
H2' P5P B 10 -0.76 0.98 0.92
HO2' P5P B 10 1.06 0.95 2.32
H3' P5P B 10 -1.82 -1.04 0.22
HO3' P5P B 10 -1.09 -1.09 2.93
H4' P5P B 10 0.47 -2.54 1.53
H5'1 P5P B 10 0.10 -4.20 -0.24
H5'2 P5P B 10 -1.39 -3.93 0.69
N1 P5P B 10 0.84 4.77 -2.23
C2 P5P B 10 1.40 4.60 -1.04
N3 P5P B 10 1.49 3.47 -0.34
C4 P5P B 10 0.90 2.42 -0.98
C5 P5P B 10 0.28 2.45 -2.20
C6 P5P B 10 0.28 3.71 -2.85
N7 P5P B 10 -0.24 1.20 -2.52
C8 P5P B 10 0.09 0.46 -1.50
N9 P5P B 10 0.82 1.12 -0.54
C1' P5P B 10 1.39 0.61 0.73
C2' P5P B 10 0.48 0.97 1.90
O2' P5P B 10 1.27 1.22 3.06
C3' P5P B 10 -0.34 -0.31 2.05
O3' P5P B 10 -0.86 -0.43 3.36
C4' P5P B 10 0.70 -1.37 1.72
O4' P5P B 10 1.52 -0.80 0.70
C5' P5P B 10 0.10 -2.71 1.27
O5' P5P B 10 -0.69 -2.54 0.11
P P5P B 10 -1.44 -3.77 -0.62
OP1 P5P B 10 -1.87 -4.72 0.42
OP2 P5P B 10 -2.44 -3.20 -1.55
H2 P5P B 10 1.84 5.47 -0.59
H6 P5P B 10 -0.18 3.82 -3.82
H8 P5P B 10 -0.17 -0.58 -1.43
H1' P5P B 10 2.37 1.07 0.87
H2' P5P B 10 -0.16 1.83 1.69
HO2' P5P B 10 1.75 2.04 2.93
H3' P5P B 10 -1.15 -0.32 1.31
HO3' P5P B 10 -0.21 0.00 3.94
H4' P5P B 10 1.32 -1.54 2.60
H5'1 P5P B 10 0.90 -3.42 1.06
H5'2 P5P B 10 -0.51 -3.11 2.07
N1 P5P B 10 1.50 4.96 -0.99
C2 P5P B 10 1.88 4.36 0.13
N3 P5P B 10 1.75 3.08 0.46
C4 P5P B 10 1.10 2.37 -0.51
C5 P5P B 10 0.65 2.85 -1.71
C6 P5P B 10 0.88 4.23 -1.95
N7 P5P B 10 0.01 1.85 -2.44
C8 P5P B 10 0.14 0.80 -1.68
N9 P5P B 10 0.79 1.03 -0.49
C1' P5P B 10 1.11 0.07 0.60
C2' P5P B 10 0.34 0.41 1.87
O2' P5P B 10 1.02 -0.14 3.00
C3' P5P B 10 -0.98 -0.31 1.60
O3' P5P B 10 -1.70 -0.52 2.79
C4' P5P B 10 -0.49 -1.60 0.94
O4' P5P B 10 0.72 -1.26 0.26
C5' P5P B 10 -1.53 -2.19 -0.01
O5' P5P B 10 -1.25 -3.55 -0.26
P P5P B 10 -2.09 -4.40 -1.36
OP1 P5P B 10 -2.64 -5.59 -0.68
OP2 P5P B 10 -2.98 -3.47 -2.08
H2 P5P B 10 2.38 4.98 0.86
H6 P5P B 10 0.57 4.69 -2.87
H8 P5P B 10 -0.26 -0.17 -1.96
H1' P5P B 10 2.19 0.12 0.79
H2' P5P B 10 0.19 1.48 2.01
HO2' P5P B 10 1.37 -1.00 2.75
H3' P5P B 10 -1.57 0.27 0.89
HO3' P5P B 10 -1.06 -0.57 3.51
H4' P5P B 10 -0.26 -2.33 1.72
H5'1 P5P B 10 -2.51 -2.12 0.45
H5'2 P5P B 10 -1.54 -1.63 -0.94
N1 P5P B 10 1.06 4.08 -1.80
C2 P5P B 10 1.48 3.65 -0.61
N3 P5P B 10 1.39 2.41 -0.12
C4 P5P B 10 0.79 1.55 -0.98
C5 P5P B 10 0.31 1.86 -2.23
C6 P5P B 10 0.49 3.20 -2.65
N7 P5P B 10 -0.30 0.75 -2.82
C8 P5P B 10 -0.13 -0.20 -1.92
N9 P5P B 10 0.54 0.21 -0.79
C1' P5P B 10 0.92 -0.57 0.41
C2' P5P B 10 -0.13 -0.37 1.52
O2' P5P B 10 0.50 -0.44 2.78
C3' P5P B 10 -1.04 -1.58 1.28
O3' P5P B 10 -1.81 -1.91 2.42
C4' P5P B 10 0.00 -2.63 0.89
O4' P5P B 10 0.96 -1.95 0.11
C5' P5P B 10 -0.60 -3.83 0.15
O5' P5P B 10 -1.31 -3.40 -0.99
P P5P B 10 -2.09 -4.44 -1.96
OP1 P5P B 10 -2.63 -5.53 -1.12
OP2 P5P B 10 -2.99 -3.65 -2.82
H2 P5P B 10 1.94 4.38 0.02
H6 P5P B 10 0.15 3.52 -3.62
H8 P5P B 10 -0.50 -1.20 -2.06
H1' P5P B 10 1.89 -0.22 0.77
H2' P5P B 10 -0.67 0.57 1.42
HO2' P5P B 10 -0.17 -0.74 3.41
H3' P5P B 10 -1.70 -1.36 0.43
HO3' P5P B 10 -2.41 -2.62 2.18
H4' P5P B 10 0.48 -3.00 1.80
H5'1 P5P B 10 0.20 -4.51 -0.13
H5'2 P5P B 10 -1.28 -4.36 0.82
N1 P5P B 10 1.03 4.48 -2.26
C2 P5P B 10 1.50 4.29 -1.04
N3 P5P B 10 1.56 3.15 -0.35
C4 P5P B 10 1.05 2.11 -1.05
C5 P5P B 10 0.51 2.15 -2.32
C6 P5P B 10 0.55 3.42 -2.94
N7 P5P B 10 0.04 0.89 -2.69
C8 P5P B 10 0.32 0.14 -1.67
N9 P5P B 10 0.95 0.79 -0.64
C1' P5P B 10 1.43 0.27 0.66
C2' P5P B 10 0.37 0.48 1.75
O2' P5P B 10 1.02 0.68 2.99
C3' P5P B 10 -0.37 -0.85 1.72
O3' P5P B 10 -1.07 -1.10 2.92
C4' P5P B 10 0.79 -1.81 1.47
O4' P5P B 10 1.66 -1.14 0.56
C5' P5P B 10 0.36 -3.18 0.94
O5' P5P B 10 -0.41 -3.02 -0.24
P P5P B 10 -1.05 -4.28 -1.02
OP1 P5P B 10 -1.44 -5.29 -0.02
OP2 P5P B 10 -2.07 -3.75 -1.97
H2 P5P B 10 1.89 5.17 -0.54
H6 P5P B 10 0.15 3.55 -3.95
H8 P5P B 10 0.06 -0.91 -1.64
H1' P5P B 10 2.35 0.78 0.93
H2' P5P B 10 -0.29 1.32 1.53
HO2' P5P B 10 0.39 0.41 3.67
H3' P5P B 10 -1.06 -0.85 0.87
HO3' P5P B 10 -1.58 -1.91 2.80
H4' P5P B 10 1.33 -1.96 2.40
H5'1 P5P B 10 1.24 -3.78 0.72
H5'2 P5P B 10 -0.24 -3.69 1.69
N1 P5P B 10 0.62 4.65 -2.40
C2 P5P B 10 1.14 4.51 -1.19
N3 P5P B 10 1.24 3.39 -0.46
C4 P5P B 10 0.72 2.32 -1.11
C5 P5P B 10 0.15 2.32 -2.35
C6 P5P B 10 0.13 3.55 -3.03
N7 P5P B 10 -0.33 1.04 -2.67
C8 P5P B 10 0.00 0.33 -1.64
N9 P5P B 10 0.66 1.03 -0.65
C1' P5P B 10 1.18 0.55 0.65
C2' P5P B 10 0.18 0.83 1.78
O2' P5P B 10 0.88 1.08 2.98
C3' P5P B 10 -0.59 -0.48 1.84
O3' P5P B 10 -1.24 -0.67 3.08
C4' P5P B 10 0.54 -1.47 1.58
O4' P5P B 10 1.38 -0.87 0.61
C5' P5P B 10 0.06 -2.85 1.12
O5' P5P B 10 -0.77 -2.73 -0.02
P P5P B 10 -1.49 -4.00 -0.70
OP1 P5P B 10 -1.86 -4.95 0.37
OP2 P5P B 10 -2.52 -3.49 -1.62
H2 P5P B 10 1.53 5.41 -0.73
H6 P5P B 10 -0.29 3.64 -4.01
H8 P5P B 10 -0.24 -0.73 -1.55
H1' P5P B 10 2.12 1.06 0.87
H2' P5P B 10 -0.48 1.67 1.54
HO2' P5P B 10 0.28 0.85 3.70
H3' P5P B 10 -1.32 -0.51 1.02
HO3' P5P B 10 -1.78 -1.47 3.02
H4' P5P B 10 1.12 -1.59 2.50
H5'1 P5P B 10 0.92 -3.49 0.90
H5'2 P5P B 10 -0.52 -3.31 1.93
N1 P5P B 10 0.81 4.49 -2.14
C2 P5P B 10 1.30 4.29 -0.92
N3 P5P B 10 1.38 3.15 -0.25
C4 P5P B 10 0.85 2.10 -0.96
C5 P5P B 10 0.29 2.17 -2.21
C6 P5P B 10 0.31 3.44 -2.82
N7 P5P B 10 -0.19 0.92 -2.59
C8 P5P B 10 0.11 0.15 -1.58
N9 P5P B 10 0.76 0.79 -0.56
C1' P5P B 10 1.25 0.25 0.73
C2' P5P B 10 0.23 0.48 1.85
O2' P5P B 10 0.91 0.66 3.08
C3' P5P B 10 -0.54 -0.84 1.83
O3' P5P B 10 -1.22 -1.09 3.05
C4' P5P B 10 0.60 -1.82 1.55
O4' P5P B 10 1.46 -1.16 0.62
C5' P5P B 10 0.12 -3.18 1.01
O5' P5P B 10 -0.68 -2.99 -0.14
P P5P B 10 -1.37 -4.22 -0.92
OP1 P5P B 10 -1.77 -5.23 0.10
OP2 P5P B 10 -2.38 -3.68 -1.83
H2 P5P B 10 1.70 5.16 -0.43
H6 P5P B 10 -0.10 3.57 -3.81
H8 P5P B 10 -0.15 -0.90 -1.55
H1' P5P B 10 2.19 0.74 0.99
H2' P5P B 10 -0.41 1.33 1.64
HO2' P5P B 10 0.30 0.39 3.78
H3' P5P B 10 -1.25 -0.82 1.00
HO3' P5P B 10 -1.74 -1.89 2.94
H4' P5P B 10 1.15 -1.98 2.47
H5'1 P5P B 10 0.99 -3.79 0.77
H5'2 P5P B 10 -0.47 -3.68 1.78
N1 P5P B 10 0.23 4.84 -2.90
C2 P5P B 10 0.61 4.80 -1.63
N3 P5P B 10 0.70 3.73 -0.83
C4 P5P B 10 0.32 2.60 -1.46
C5 P5P B 10 -0.11 2.48 -2.75
C6 P5P B 10 -0.13 3.68 -3.51
N7 P5P B 10 -0.46 1.16 -3.04
C8 P5P B 10 -0.22 0.53 -1.94
N9 P5P B 10 0.29 1.33 -0.93
C1' P5P B 10 0.69 0.96 0.45
C2' P5P B 10 -0.45 1.21 1.44
O2' P5P B 10 0.08 1.58 2.69
C3' P5P B 10 -1.11 -0.16 1.49
O3' P5P B 10 -1.89 -0.34 2.65
C4' P5P B 10 0.11 -1.07 1.41
O4' P5P B 10 1.01 -0.43 0.51
C5' P5P B 10 -0.20 -2.50 1.00
O5' P5P B 10 -0.90 -2.51 -0.24
P P5P B 10 -1.42 -3.87 -0.92
OP1 P5P B 10 -1.84 -4.80 0.16
OP2 P5P B 10 -2.39 -3.50 -1.98
H2 P5P B 10 0.89 5.75 -1.19
H6 P5P B 10 -0.44 3.68 -4.54
H8 P5P B 10 -0.40 -0.53 -1.82
H1' P5P B 10 1.56 1.56 0.73
H2' P5P B 10 -1.14 1.98 1.08
HO2' P5P B 10 -0.57 1.33 3.36
H3' P5P B 10 -1.74 -0.29 0.60
HO3' P5P B 10 -2.35 -1.18 2.59
H4' P5P B 10 0.59 -1.09 2.40
H5'1 P5P B 10 0.72 -3.07 0.91
H5'2 P5P B 10 -0.83 -2.97 1.76
N1 P5P B 10 -0.14 5.60 -3.22
C2 P5P B 10 0.30 5.67 -1.97
N3 P5P B 10 0.54 4.68 -1.13
C4 P5P B 10 0.28 3.46 -1.68
C5 P5P B 10 -0.18 3.23 -2.95
C6 P5P B 10 -0.36 4.38 -3.75
N7 P5P B 10 -0.37 1.87 -3.17
C8 P5P B 10 0.00 1.33 -2.04
N9 P5P B 10 0.41 2.23 -1.08
C1' P5P B 10 0.89 1.98 0.31
C2' P5P B 10 -0.12 2.54 1.33
O2' P5P B 10 0.55 2.84 2.54
C3' P5P B 10 -1.06 1.35 1.46
O3' P5P B 10 -1.79 1.42 2.67
C4' P5P B 10 -0.08 0.17 1.42
O4' P5P B 10 0.98 0.59 0.56
C5' P5P B 10 -0.75 -1.10 0.90
O5' P5P B 10 0.01 -2.24 1.25
P P5P B 10 -0.38 -3.71 0.69
OP1 P5P B 10 -0.55 -4.61 1.85
OP2 P5P B 10 -1.46 -3.57 -0.29
H2 P5P B 10 0.48 6.67 -1.59
H6 P5P B 10 -0.71 4.29 -4.78
H8 P5P B 10 -0.03 0.26 -1.86
H1' P5P B 10 1.85 2.47 0.44
H2' P5P B 10 -0.65 3.41 0.95
HO2' P5P B 10 1.12 3.59 2.40
H3' P5P B 10 -1.74 1.30 0.60
HO3' P5P B 10 -1.20 1.81 3.32
H4' P5P B 10 0.32 0.00 2.41
H5'1 P5P B 10 -1.74 -1.19 1.35
H5'2 P5P B 10 -0.86 -1.04 -0.18
N1 P5P B 10 0.22 5.08 -2.89
C2 P5P B 10 0.57 4.77 -1.65
N3 P5P B 10 0.56 3.58 -1.07
C4 P5P B 10 0.12 2.60 -1.91
C5 P5P B 10 -0.27 2.77 -3.22
C6 P5P B 10 -0.19 4.08 -3.71
N7 P5P B 10 -0.69 1.55 -3.76
C8 P5P B 10 -0.52 0.71 -2.79
N9 P5P B 10 -0.02 1.26 -1.63
C1' P5P B 10 0.31 0.60 -0.33
C2' P5P B 10 -0.61 1.07 0.78
O2' P5P B 10 0.02 0.86 2.04
C3' P5P B 10 -1.80 0.14 0.56
O3' P5P B 10 -2.61 0.08 1.72
C4' P5P B 10 -1.10 -1.17 0.23
O4' P5P B 10 0.12 -0.81 -0.42
C5' P5P B 10 -1.95 -2.09 -0.64
O5' P5P B 10 -1.49 -3.43 -0.58
P P5P B 10 -2.11 -4.57 -1.53
OP1 P5P B 10 -2.58 -5.67 -0.66
OP2 P5P B 10 -3.04 -3.94 -2.49
H2 P5P B 10 0.90 5.60 -1.04
H6 P5P B 10 -0.47 4.31 -4.73
H8 P5P B 10 -0.75 -0.34 -2.89
H1' P5P B 10 1.35 0.84 -0.09
H2' P5P B 10 -0.91 2.12 0.67
HO2' P5P B 10 0.49 0.02 2.00
H3' P5P B 10 -2.38 0.48 -0.29
HO3' P5P B 10 -2.03 0.25 2.48
H4' P5P B 10 -0.86 -1.70 1.16
H5'1 P5P B 10 -2.99 -2.06 -0.28
H5'2 P5P B 10 -1.94 -1.72 -1.67
N1 P5P B 10 0.23 3.96 -2.76
C2 P5P B 10 0.63 3.89 -1.49
N3 P5P B 10 0.77 2.81 -0.72
C4 P5P B 10 0.43 1.67 -1.39
C5 P5P B 10 -0.02 1.59 -2.68
C6 P5P B 10 -0.09 2.80 -3.39
N7 P5P B 10 -0.33 0.27 -3.01
C8 P5P B 10 -0.04 -0.39 -1.93
N9 P5P B 10 0.45 0.38 -0.90
C1' P5P B 10 0.89 -0.01 0.46
C2' P5P B 10 -0.26 0.16 1.46
O2' P5P B 10 0.28 0.50 2.73
C3' P5P B 10 -0.87 -1.24 1.48
O3' P5P B 10 -1.61 -1.49 2.65
C4' P5P B 10 0.40 -2.09 1.36
O4' P5P B 10 1.25 -1.39 0.46
C5' P5P B 10 0.13 -3.53 0.89
O5' P5P B 10 -0.57 -3.52 -0.34
P P5P B 10 -1.04 -4.88 -1.07
OP1 P5P B 10 -1.40 -5.86 -0.02
OP2 P5P B 10 -2.03 -4.51 -2.10
H2 P5P B 10 0.89 4.83 -1.02
H6 P5P B 10 -0.42 2.83 -4.42
H8 P5P B 10 -0.18 -1.46 -1.84
H1' P5P B 10 1.73 0.61 0.75
H2' P5P B 10 -0.98 0.91 1.14
HO2' P5P B 10 -0.35 0.21 3.38
H3' P5P B 10 -1.49 -1.37 0.59
HO3' P5P B 10 -2.04 -2.35 2.55
H4' P5P B 10 0.89 -2.13 2.33
H5'1 P5P B 10 1.08 -4.05 0.77
H5'2 P5P B 10 -0.46 -4.04 1.64
N1 P5P B 10 0.19 5.33 -3.21
C2 P5P B 10 0.52 5.28 -1.92
N3 P5P B 10 0.60 4.21 -1.13
C4 P5P B 10 0.30 3.06 -1.80
C5 P5P B 10 -0.06 2.95 -3.12
C6 P5P B 10 -0.08 4.17 -3.84
N7 P5P B 10 -0.34 1.63 -3.45
C8 P5P B 10 -0.12 0.98 -2.34
N9 P5P B 10 0.28 1.78 -1.29
C1' P5P B 10 0.61 1.40 0.11
C2' P5P B 10 -0.43 1.94 1.09
O2' P5P B 10 0.15 2.08 2.37
C3' P5P B 10 -1.48 0.84 1.06
O3' P5P B 10 -2.33 0.87 2.18
C4' P5P B 10 -0.58 -0.41 0.99
O4' P5P B 10 0.58 -0.02 0.25
C5' P5P B 10 -1.31 -1.59 0.32
O5' P5P B 10 -0.67 -2.81 0.65
P P5P B 10 -1.11 -4.19 -0.07
OP1 P5P B 10 -1.45 -5.15 1.00
OP2 P5P B 10 -2.09 -3.89 -1.13
H2 P5P B 10 0.75 6.23 -1.45
H6 P5P B 10 -0.34 4.17 -4.89
H8 P5P B 10 -0.24 -0.09 -2.26
H1' P5P B 10 1.59 1.78 0.36
H2' P5P B 10 -0.85 2.90 0.77
HO2' P5P B 10 -0.53 1.87 3.02
H3' P5P B 10 -2.05 0.92 0.13
HO3' P5P B 10 -2.95 1.59 2.08
H4' P5P B 10 -0.30 -0.68 2.00
H5'1 P5P B 10 -2.33 -1.63 0.68
H5'2 P5P B 10 -1.32 -1.43 -0.76
N1 P5P B 10 0.41 3.98 -2.69
C2 P5P B 10 0.87 4.10 -1.45
N3 P5P B 10 1.14 3.13 -0.57
C4 P5P B 10 0.88 1.89 -1.08
C5 P5P B 10 0.40 1.62 -2.34
C6 P5P B 10 0.17 2.73 -3.17
N7 P5P B 10 0.20 0.25 -2.49
C8 P5P B 10 0.60 -0.25 -1.35
N9 P5P B 10 1.06 0.68 -0.45
C1' P5P B 10 1.59 0.50 0.92
C2' P5P B 10 0.49 0.70 1.95
O2' P5P B 10 1.05 1.23 3.14
C3' P5P B 10 0.01 -0.74 2.16
O3' P5P B 10 -0.67 -0.91 3.40
C4' P5P B 10 1.34 -1.49 2.09
O4' P5P B 10 2.08 -0.83 1.06
C5' P5P B 10 1.18 -2.99 1.79
O5' P5P B 10 0.41 -3.19 0.63
P P5P B 10 0.02 -4.66 0.09
OP1 P5P B 10 -0.19 -5.52 1.28
OP2 P5P B 10 -1.05 -4.50 -0.91
H2 P5P B 10 1.05 5.10 -1.11
H6 P5P B 10 -0.20 2.60 -4.18
H8 P5P B 10 0.57 -1.31 -1.14
H1' P5P B 10 2.39 1.22 1.09
H2' P5P B 10 -0.32 1.34 1.59
HO2' P5P B 10 0.47 0.97 3.86
H3' P5P B 10 -0.64 -1.02 1.34
HO3' P5P B 10 -1.01 -1.80 3.44
H4' P5P B 10 1.87 -1.37 3.03
H5'1 P5P B 10 2.16 -3.43 1.68
H5'2 P5P B 10 0.67 -3.46 2.64
N1 P5P B 10 0.49 4.34 -2.77
C2 P5P B 10 1.01 4.29 -1.55
N3 P5P B 10 1.17 3.21 -0.77
C4 P5P B 10 0.73 2.08 -1.37
C5 P5P B 10 0.16 1.98 -2.62
C6 P5P B 10 0.08 3.19 -3.34
N7 P5P B 10 -0.22 0.67 -2.88
C8 P5P B 10 0.12 0.02 -1.81
N9 P5P B 10 0.74 0.81 -0.85
C1' P5P B 10 1.30 0.43 0.47
C2' P5P B 10 0.30 0.78 1.58
O2' P5P B 10 1.03 1.17 2.75
C3' P5P B 10 -0.41 -0.55 1.78
O3' P5P B 10 -0.98 -0.63 3.07
C4' P5P B 10 0.73 -1.54 1.55
O4' P5P B 10 1.54 -0.97 0.54
C5' P5P B 10 0.26 -2.95 1.18
O5' P5P B 10 -0.50 -2.92 -0.02
P P5P B 10 -1.11 -4.25 -0.68
OP1 P5P B 10 -1.51 -5.17 0.41
OP2 P5P B 10 -2.11 -3.84 -1.69
H2 P5P B 10 1.34 5.23 -1.13
H6 P5P B 10 -0.34 3.21 -4.34
H8 P5P B 10 -0.05 -1.04 -1.68
H1' P5P B 10 2.24 0.97 0.61
H2' P5P B 10 -0.38 1.57 1.28
HO2' P5P B 10 1.45 2.02 2.57
H3' P5P B 10 -1.18 -0.68 1.01
HO3' P5P B 10 -0.39 -0.12 3.65
H4' P5P B 10 1.32 -1.60 2.47
H5'1 P5P B 10 1.13 -3.60 1.06
H5'2 P5P B 10 -0.36 -3.34 1.99
N1 P5P B 10 0.00 3.77 -2.81
C2 P5P B 10 0.38 3.64 -1.53
N3 P5P B 10 0.50 2.51 -0.83
C4 P5P B 10 0.17 1.41 -1.56
C5 P5P B 10 -0.25 1.40 -2.86
C6 P5P B 10 -0.31 2.66 -3.50
N7 P5P B 10 -0.56 0.11 -3.27
C8 P5P B 10 -0.31 -0.61 -2.22
N9 P5P B 10 0.16 0.10 -1.14
C1' P5P B 10 0.57 -0.37 0.20
C2' P5P B 10 -0.59 -0.24 1.19
O2' P5P B 10 -0.07 0.03 2.48
C3' P5P B 10 -1.21 -1.63 1.12
O3' P5P B 10 -1.99 -1.95 2.26
C4' P5P B 10 0.06 -2.49 0.98
O4' P5P B 10 0.94 -1.74 0.14
C5' P5P B 10 -0.21 -3.90 0.42
O5' P5P B 10 -0.90 -3.82 -0.81
P P5P B 10 -1.37 -5.13 -1.62
OP1 P5P B 10 -1.75 -6.17 -0.63
OP2 P5P B 10 -2.33 -4.70 -2.65
H2 P5P B 10 0.64 4.54 -1.01
H6 P5P B 10 -0.62 2.74 -4.54
H8 P5P B 10 -0.45 -1.69 -2.20
H1' P5P B 10 1.42 0.23 0.55
H2' P5P B 10 -1.29 0.53 0.90
HO2' P5P B 10 -0.72 -0.29 3.12
H3' P5P B 10 -1.82 -1.70 0.21
HO3' P5P B 10 -2.41 -2.80 2.11
H4' P5P B 10 0.52 -2.58 1.96
H5'1 P5P B 10 0.74 -4.42 0.29
H5'2 P5P B 10 -0.82 -4.45 1.15
N1 P5P B 10 0.19 4.28 -2.33
C2 P5P B 10 0.66 4.19 -1.09
N3 P5P B 10 0.85 3.08 -0.36
C4 P5P B 10 0.50 1.96 -1.04
C5 P5P B 10 0.00 1.90 -2.31
C6 P5P B 10 -0.13 3.14 -2.99
N7 P5P B 10 -0.31 0.59 -2.67
C8 P5P B 10 0.03 -0.10 -1.60
N9 P5P B 10 0.55 0.66 -0.59
C1' P5P B 10 1.04 0.24 0.75
C2' P5P B 10 -0.06 0.41 1.80
O2' P5P B 10 0.53 0.73 3.05
C3' P5P B 10 -0.67 -1.00 1.81
O3' P5P B 10 -1.38 -1.26 3.01
C4' P5P B 10 0.59 -1.85 1.64
O4' P5P B 10 1.41 -1.13 0.73
C5' P5P B 10 0.30 -3.27 1.17
O5' P5P B 10 -0.43 -3.25 -0.04
P P5P B 10 -0.91 -4.60 -0.79
OP1 P5P B 10 -1.25 -5.60 0.26
OP2 P5P B 10 -1.91 -4.23 -1.79
H2 P5P B 10 0.92 5.12 -0.61
H6 P5P B 10 -0.50 3.18 -4.00
H8 P5P B 10 -0.09 -1.17 -1.54
H1' P5P B 10 1.90 0.86 1.02
H2' P5P B 10 -0.79 1.16 1.52
HO2' P5P B 10 -0.08 0.43 3.73
H3' P5P B 10 -1.32 -1.10 0.96
HO3' P5P B 10 -1.80 -2.12 2.92
H4' P5P B 10 1.11 -1.89 2.60
H5'1 P5P B 10 1.25 -3.80 1.03
H5'2 P5P B 10 -0.27 -3.79 1.93
N1 P5P B 10 0.63 5.50 -2.02
C2 P5P B 10 0.98 5.10 -0.79
N3 P5P B 10 0.94 3.87 -0.28
C4 P5P B 10 0.47 2.97 -1.17
C5 P5P B 10 0.05 3.22 -2.46
C6 P5P B 10 0.17 4.57 -2.88
N7 P5P B 10 -0.41 2.06 -3.07
C8 P5P B 10 -0.24 1.15 -2.15
N9 P5P B 10 0.29 1.62 -0.98
C1' P5P B 10 0.61 0.87 0.27
C2' P5P B 10 -0.33 1.30 1.41
O2' P5P B 10 0.30 1.09 2.66
C3' P5P B 10 -1.50 0.35 1.18
O3' P5P B 10 -2.27 0.22 2.36
C4' P5P B 10 -0.77 -0.93 0.78
O4' P5P B 10 0.40 -0.52 0.09
C5' P5P B 10 -1.66 -1.83 -0.09
O5' P5P B 10 -1.17 -3.16 -0.09
P P5P B 10 -1.81 -4.28 -1.08
OP1 P5P B 10 -2.24 -5.41 -0.24
OP2 P5P B 10 -2.77 -3.61 -1.99
H2 P5P B 10 1.34 5.88 -0.13
H6 P5P B 10 -0.11 4.86 -3.88
H8 P5P B 10 -0.51 0.11 -2.32
H1' P5P B 10 1.65 1.07 0.53
H2' P5P B 10 -0.64 2.34 1.32
HO2' P5P B 10 1.03 1.71 2.76
H3' P5P B 10 -2.11 0.72 0.36
HO3' P5P B 10 -1.66 0.27 3.10
H4' P5P B 10 -0.49 -1.47 1.69
H5'1 P5P B 10 -2.67 -1.83 0.32
H5'2 P5P B 10 -1.69 -1.43 -1.10
N1 P5P B 10 1.48 3.94 -1.34
C2 P5P B 10 2.01 3.48 -0.20
N3 P5P B 10 1.98 2.23 0.25
C4 P5P B 10 1.30 1.40 -0.58
C5 P5P B 10 0.70 1.73 -1.77
C6 P5P B 10 0.83 3.08 -2.15
N7 P5P B 10 0.06 0.63 -2.33
C8 P5P B 10 0.30 -0.33 -1.48
N9 P5P B 10 1.07 0.04 -0.41
C1' P5P B 10 1.58 -0.76 0.73
C2' P5P B 10 0.68 -0.57 1.96
O2' P5P B 10 1.47 -0.62 3.13
C3' P5P B 10 -0.26 -1.77 1.84
O3' P5P B 10 -0.81 -2.09 3.09
C4' P5P B 10 0.70 -2.83 1.29
O4' P5P B 10 1.58 -2.15 0.41
C5' P5P B 10 -0.02 -3.98 0.59
O5' P5P B 10 -0.77 -3.52 -0.52
P P5P B 10 -1.60 -4.50 -1.48
OP1 P5P B 10 -2.13 -5.61 -0.66
OP2 P5P B 10 -2.53 -3.68 -2.28
H2 P5P B 10 2.52 4.19 0.41
H6 P5P B 10 0.40 3.44 -3.07
H8 P5P B 10 -0.08 -1.33 -1.61
H1' P5P B 10 2.59 -0.43 0.96
H2' P5P B 10 0.12 0.37 1.91
HO2' P5P B 10 2.03 0.16 3.17
H3' P5P B 10 -1.04 -1.55 1.11
HO3' P5P B 10 -0.13 -1.86 3.75
H4' P5P B 10 1.28 -3.22 2.12
H5'1 P5P B 10 0.73 -4.71 0.24
H5'2 P5P B 10 -0.69 -4.48 1.30
N1 P5P B 10 1.13 4.98 -1.60
C2 P5P B 10 1.54 4.62 -0.37
N3 P5P B 10 1.57 3.40 0.15
C4 P5P B 10 1.10 2.46 -0.71
C5 P5P B 10 0.64 2.68 -1.99
C6 P5P B 10 0.69 4.02 -2.43
N7 P5P B 10 0.20 1.49 -2.56
C8 P5P B 10 0.44 0.60 -1.64
N9 P5P B 10 0.98 1.10 -0.49
C1' P5P B 10 1.36 0.39 0.77
C2' P5P B 10 0.46 0.79 1.93
O2' P5P B 10 1.13 0.60 3.15
C3' P5P B 10 -0.68 -0.21 1.75
O3' P5P B 10 -1.45 -0.36 2.94
C4' P5P B 10 0.08 -1.47 1.33
O4' P5P B 10 1.21 -1.01 0.60
C5' P5P B 10 -0.78 -2.41 0.51
O5' P5P B 10 -0.25 -3.72 0.52
P P5P B 10 -0.88 -4.89 -0.40
OP1 P5P B 10 -1.24 -6.01 0.49
OP2 P5P B 10 -1.92 -4.30 -1.28
H2 P5P B 10 1.90 5.42 0.25
H6 P5P B 10 0.36 4.28 -3.43
H8 P5P B 10 0.22 -0.45 -1.77
H1' P5P B 10 2.40 0.64 1.01
H2' P5P B 10 0.09 1.82 1.84
HO2' P5P B 10 0.46 0.45 3.83
H3' P5P B 10 -1.33 0.12 0.92
HO3' P5P B 10 -2.13 -1.02 2.79
H4' P5P B 10 0.42 -1.98 2.23
H5'1 P5P B 10 -1.80 -2.44 0.92
H5'2 P5P B 10 -0.85 -2.04 -0.52
N1 P5P B 10 1.03 4.17 -1.70
C2 P5P B 10 1.43 3.66 -0.54
N3 P5P B 10 1.39 2.39 -0.14
C4 P5P B 10 0.84 1.57 -1.10
C5 P5P B 10 0.38 1.96 -2.33
C6 P5P B 10 0.52 3.34 -2.63
N7 P5P B 10 -0.13 0.87 -3.03
C8 P5P B 10 0.04 -0.13 -2.21
N9 P5P B 10 0.64 0.21 -1.02
C1' P5P B 10 1.01 -0.66 0.13
C2' P5P B 10 0.17 -0.32 1.37
O2' P5P B 10 0.86 -0.76 2.53
C3' P5P B 10 -1.07 -1.17 1.09
O3' P5P B 10 -1.81 -1.39 2.28
C4' P5P B 10 -0.44 -2.44 0.50
O4' P5P B 10 0.75 -2.03 -0.15
C5' P5P B 10 -1.41 -3.16 -0.43
O5' P5P B 10 -1.00 -4.51 -0.62
P P5P B 10 -1.73 -5.47 -1.69
OP1 P5P B 10 -2.19 -6.67 -0.97
OP2 P5P B 10 -2.70 -4.67 -2.46
H2 P5P B 10 1.85 4.35 0.17
H6 P5P B 10 0.20 3.72 -3.59
H8 P5P B 10 -0.24 -1.14 -2.45
H1' P5P B 10 2.07 -0.50 0.35
H2' P5P B 10 -0.07 0.74 1.45
HO2' P5P B 10 1.29 -1.60 2.34
H3' P5P B 10 -1.68 -0.68 0.34
HO3' P5P B 10 -1.19 -1.34 3.01
H4' P5P B 10 -0.18 -3.11 1.33
H5'1 P5P B 10 -2.40 -3.17 0.00
H5'2 P5P B 10 -1.44 -2.64 -1.39
N1 P5P B 10 0.23 4.55 -2.71
C2 P5P B 10 0.67 4.48 -1.47
N3 P5P B 10 0.81 3.40 -0.70
C4 P5P B 10 0.42 2.26 -1.34
C5 P5P B 10 -0.07 2.19 -2.62
C6 P5P B 10 -0.14 3.41 -3.32
N7 P5P B 10 -0.42 0.87 -2.93
C8 P5P B 10 -0.11 0.21 -1.85
N9 P5P B 10 0.44 0.98 -0.85
C1' P5P B 10 0.92 0.59 0.50
C2' P5P B 10 -0.16 0.83 1.55
O2' P5P B 10 0.46 1.18 2.78
C3' P5P B 10 -0.83 -0.53 1.63
O3' P5P B 10 -1.53 -0.72 2.85
C4' P5P B 10 0.37 -1.45 1.45
O4' P5P B 10 1.22 -0.80 0.52
C5' P5P B 10 0.01 -2.87 1.01
O5' P5P B 10 -0.71 -2.84 -0.21
P P5P B 10 -1.24 -4.18 -0.93
OP1 P5P B 10 -1.64 -5.14 0.12
OP2 P5P B 10 -2.21 -3.77 -1.96
H2 P5P B 10 0.97 5.42 -1.01
H6 P5P B 10 -0.51 3.43 -4.34
H8 P5P B 10 -0.28 -0.85 -1.75
H1' P5P B 10 1.80 1.17 0.73
H2' P5P B 10 -0.86 1.61 1.25
HO2' P5P B 10 -0.09 0.82 3.49
H3' P5P B 10 -1.52 -0.65 0.78
HO3' P5P B 10 -2.40 -0.32 2.77
H4' P5P B 10 0.90 -1.50 2.41
H5'1 P5P B 10 0.91 -3.46 0.90
H5'2 P5P B 10 -0.62 -3.33 1.78
N1 P5P B 10 1.26 4.46 -1.23
C2 P5P B 10 1.68 3.99 -0.06
N3 P5P B 10 1.69 2.73 0.37
C4 P5P B 10 1.19 1.88 -0.56
C5 P5P B 10 0.70 2.21 -1.80
C6 P5P B 10 0.78 3.58 -2.14
N7 P5P B 10 0.23 1.09 -2.46
C8 P5P B 10 0.46 0.12 -1.62
N9 P5P B 10 1.03 0.51 -0.44
C1' P5P B 10 1.42 -0.31 0.74
C2' P5P B 10 0.53 0.01 1.95
O2' P5P B 10 1.23 -0.30 3.14
C3' P5P B 10 -0.63 -0.93 1.71
O3' P5P B 10 -1.38 -1.16 2.89
C4' P5P B 10 0.08 -2.18 1.18
O4' P5P B 10 1.23 -1.70 0.47
C5' P5P B 10 -0.82 -3.02 0.29
O5' P5P B 10 -0.33 -4.35 0.19
P P5P B 10 -1.02 -5.42 -0.81
OP1 P5P B 10 -1.39 -6.60 -0.01
OP2 P5P B 10 -2.05 -4.72 -1.62
H2 P5P B 10 2.07 4.73 0.63
H6 P5P B 10 0.44 3.93 -3.10
H8 P5P B 10 0.21 -0.92 -1.84
H1' P5P B 10 2.46 -0.11 0.98
H2' P5P B 10 0.21 1.06 1.96
HO2' P5P B 10 0.56 -0.48 3.81
H3' P5P B 10 -1.27 -0.52 0.93
HO3' P5P B 10 -2.09 -1.78 2.70
H4' P5P B 10 0.43 -2.77 2.03
H5'1 P5P B 10 -1.83 -3.06 0.72
H5'2 P5P B 10 -0.89 -2.57 -0.70
N1 P5P B 10 0.69 5.19 -2.01
C2 P5P B 10 1.08 4.89 -0.77
N3 P5P B 10 1.14 3.68 -0.20
C4 P5P B 10 0.71 2.70 -1.05
C5 P5P B 10 0.28 2.86 -2.34
C6 P5P B 10 0.30 4.18 -2.83
N7 P5P B 10 -0.12 1.64 -2.88
C8 P5P B 10 0.12 0.79 -1.93
N9 P5P B 10 0.63 1.35 -0.77
C1' P5P B 10 1.02 0.69 0.50
C2' P5P B 10 0.07 1.11 1.64
O2' P5P B 10 0.75 0.99 2.87
C3' P5P B 10 -1.04 0.08 1.47
O3' P5P B 10 -1.82 -0.06 2.65
C4' P5P B 10 -0.25 -1.18 1.11
O4' P5P B 10 0.90 -0.73 0.38
C5' P5P B 10 -1.08 -2.16 0.29
O5' P5P B 10 -0.51 -3.45 0.33
P P5P B 10 -1.10 -4.66 -0.58
OP1 P5P B 10 -1.44 -5.77 0.32
OP2 P5P B 10 -2.13 -4.10 -1.48
H2 P5P B 10 1.41 5.71 -0.17
H6 P5P B 10 -0.01 4.40 -3.84
H8 P5P B 10 -0.07 -0.27 -2.03
H1' P5P B 10 2.04 0.97 0.75
H2' P5P B 10 -0.30 2.12 1.50
HO2' P5P B 10 0.29 1.51 3.53
H3' P5P B 10 -1.68 0.37 0.63
HO3' P5P B 10 -1.23 -0.31 3.36
H4' P5P B 10 0.10 -1.66 2.03
H5'1 P5P B 10 -2.09 -2.21 0.70
H5'2 P5P B 10 -1.14 -1.81 -0.74
N1 P5P B 10 1.60 4.88 -1.47
C2 P5P B 10 2.04 4.34 -0.35
N3 P5P B 10 1.89 3.09 0.10
C4 P5P B 10 1.16 2.34 -0.77
C5 P5P B 10 0.62 2.75 -1.95
C6 P5P B 10 0.89 4.10 -2.32
N7 P5P B 10 -0.12 1.73 -2.55
C8 P5P B 10 0.02 0.73 -1.72
N9 P5P B 10 0.81 1.01 -0.62
C1' P5P B 10 1.21 0.14 0.51
C2' P5P B 10 0.31 0.41 1.72
O2' P5P B 10 1.08 0.26 2.91
C3' P5P B 10 -0.73 -0.68 1.58
O3' P5P B 10 -1.33 -0.97 2.83
C4' P5P B 10 0.11 -1.83 1.02
O4' P5P B 10 1.06 -1.23 0.17
C5' P5P B 10 -0.72 -2.90 0.29
O5' P5P B 10 -1.41 -2.33 -0.80
P P5P B 10 -2.34 -3.20 -1.78
OP1 P5P B 10 -2.99 -4.27 -0.97
OP2 P5P B 10 -3.18 -2.27 -2.56
H2 P5P B 10 2.62 5.00 0.30
H6 P5P B 10 0.51 4.50 -3.24
H8 P5P B 10 -0.45 -0.23 -1.88
H1' P5P B 10 2.25 0.36 0.76
H2' P5P B 10 -0.13 1.41 1.69
HO2' P5P B 10 1.73 0.97 2.96
H3' P5P B 10 -1.49 -0.37 0.86
HO3' P5P B 10 -0.65 -0.82 3.49
H4' P5P B 10 0.64 -2.30 1.85
H5'1 P5P B 10 -0.05 -3.68 -0.06
H5'2 P5P B 10 -1.43 -3.33 0.99
N1 P5P B 10 0.07 3.96 -3.15
C2 P5P B 10 0.44 4.06 -1.88
N3 P5P B 10 0.63 3.07 -0.99
C4 P5P B 10 0.38 1.85 -1.54
C5 P5P B 10 -0.02 1.60 -2.83
C6 P5P B 10 -0.16 2.74 -3.66
N7 P5P B 10 -0.25 0.24 -3.02
C8 P5P B 10 0.05 -0.29 -1.87
N9 P5P B 10 0.46 0.62 -0.93
C1' P5P B 10 0.89 0.40 0.48
C2' P5P B 10 -0.29 0.60 1.44
O2' P5P B 10 0.19 1.11 2.67
C3' P5P B 10 -0.80 -0.83 1.58
O3' P5P B 10 -1.57 -1.01 2.76
C4' P5P B 10 0.52 -1.59 1.58
O4' P5P B 10 1.34 -0.94 0.64
C5' P5P B 10 0.36 -3.09 1.26
O5' P5P B 10 -0.31 -3.25 0.03
P P5P B 10 -0.67 -4.72 -0.56
OP1 P5P B 10 -0.98 -5.61 0.58
OP2 P5P B 10 -1.66 -4.53 -1.64
H2 P5P B 10 0.63 5.05 -1.50
H6 P5P B 10 -0.46 2.63 -4.69
H8 P5P B 10 -0.02 -1.35 -1.68
H1' P5P B 10 1.68 1.11 0.72
H2' P5P B 10 -1.06 1.26 1.02
HO2' P5P B 10 -0.45 0.85 3.34
H3' P5P B 10 -1.40 -1.09 0.70
HO3' P5P B 10 -1.93 -1.90 2.75
H4' P5P B 10 0.98 -1.50 2.57
H5'1 P5P B 10 1.35 -3.55 1.23
H5'2 P5P B 10 -0.22 -3.56 2.06
N1 P5P B 10 0.89 4.95 -1.34
C2 P5P B 10 1.32 4.56 -0.14
N3 P5P B 10 1.40 3.33 0.35
C4 P5P B 10 0.94 2.39 -0.53
C5 P5P B 10 0.44 2.64 -1.78
C6 P5P B 10 0.45 3.99 -2.19
N7 P5P B 10 0.03 1.46 -2.40
C8 P5P B 10 0.30 0.54 -1.50
N9 P5P B 10 0.86 1.03 -0.34
C1' P5P B 10 1.28 0.30 0.88
C2' P5P B 10 0.39 0.64 2.07
O2' P5P B 10 1.09 0.43 3.27
C3' P5P B 10 -0.75 -0.37 1.88
O3' P5P B 10 -1.48 -0.57 3.07
C4' P5P B 10 0.04 -1.60 1.42
O4' P5P B 10 1.15 -1.10 0.68
C5' P5P B 10 -0.82 -2.54 0.58
O5' P5P B 10 -0.27 -3.84 0.55
P P5P B 10 -0.89 -4.99 -0.40
OP1 P5P B 10 -1.21 -6.15 0.48
OP2 P5P B 10 -1.95 -4.39 -1.24
H2 P5P B 10 1.67 5.36 0.51
H6 P5P B 10 0.09 4.27 -3.18
H8 P5P B 10 0.10 -0.50 -1.66
H1' P5P B 10 2.31 0.56 1.11
H2' P5P B 10 0.00 1.67 2.02
HO2' P5P B 10 0.43 0.25 3.95
H3' P5P B 10 -1.40 -0.03 1.08
HO3' P5P B 10 -2.15 -1.25 2.92
H4' P5P B 10 0.41 -2.13 2.30
H5'1 P5P B 10 -1.82 -2.60 1.00
H5'2 P5P B 10 -0.91 -2.15 -0.44
N1 P5P B 10 1.45 5.44 -1.58
C2 P5P B 10 1.84 4.95 -0.42
N3 P5P B 10 1.71 3.70 0.03
C4 P5P B 10 1.08 2.89 -0.88
C5 P5P B 10 0.63 3.27 -2.11
C6 P5P B 10 0.85 4.61 -2.47
N7 P5P B 10 0.01 2.19 -2.75
C8 P5P B 10 0.14 1.21 -1.90
N9 P5P B 10 0.79 1.55 -0.73
C1' P5P B 10 1.12 0.71 0.44
C2' P5P B 10 0.34 1.15 1.67
O2' P5P B 10 1.03 0.71 2.85
C3' P5P B 10 -0.97 0.39 1.46
O3' P5P B 10 -1.69 0.28 2.67
C4' P5P B 10 -0.46 -0.95 0.93
O4' P5P B 10 0.75 -0.65 0.22
C5' P5P B 10 -1.49 -1.64 0.03
O5' P5P B 10 -1.19 -3.01 -0.09
P P5P B 10 -2.01 -3.97 -1.11
OP1 P5P B 10 -2.56 -5.09 -0.33
OP2 P5P B 10 -2.92 -3.12 -1.92
H2 P5P B 10 2.33 5.64 0.25
H6 P5P B 10 0.53 4.99 -3.43
H8 P5P B 10 -0.23 0.22 -2.10
H1' P5P B 10 2.20 0.78 0.63
H2' P5P B 10 0.18 2.22 1.71
HO2' P5P B 10 1.39 -0.17 2.68
H3' P5P B 10 -1.56 0.90 0.70
HO3' P5P B 10 -1.05 0.30 3.38
H4' P5P B 10 -0.22 -1.60 1.77
H5'1 P5P B 10 -2.48 -1.54 0.48
H5'2 P5P B 10 -1.49 -1.17 -0.95
N1 P5P B 10 0.30 4.12 -2.54
C2 P5P B 10 0.76 3.87 -1.31
N3 P5P B 10 0.82 2.70 -0.67
C4 P5P B 10 0.33 1.68 -1.43
C5 P5P B 10 -0.18 1.79 -2.70
C6 P5P B 10 -0.16 3.08 -3.27
N7 P5P B 10 -0.63 0.55 -3.16
C8 P5P B 10 -0.36 -0.26 -2.17
N9 P5P B 10 0.25 0.35 -1.10
C1' P5P B 10 0.72 -0.22 0.18
C2' P5P B 10 -0.30 0.03 1.30
O2' P5P B 10 0.38 0.22 2.53
C3' P5P B 10 -1.10 -1.27 1.29
O3' P5P B 10 -1.72 -1.49 2.54
C4' P5P B 10 0.01 -2.29 0.97
O4' P5P B 10 0.89 -1.64 0.06
C5' P5P B 10 -0.52 -3.60 0.39
O5' P5P B 10 -1.24 -3.36 -0.82
P P5P B 10 -1.91 -4.56 -1.67
OP1 P5P B 10 -2.39 -5.58 -0.73
OP2 P5P B 10 -2.84 -3.94 -2.63
H2 P5P B 10 1.12 4.73 -0.76
H6 P5P B 10 -0.53 3.25 -4.27
H8 P5P B 10 -0.61 -1.31 -2.19
H1' P5P B 10 1.68 0.24 0.44
H2' P5P B 10 -0.94 0.89 1.08
HO2' P5P B 10 0.86 1.06 2.49
H3' P5P B 10 -1.84 -1.25 0.49
HO3' P5P B 10 -1.14 -1.09 3.20
H4' P5P B 10 0.55 -2.50 1.88
H5'1 P5P B 10 0.31 -4.27 0.20
H5'2 P5P B 10 -1.19 -4.06 1.12
N1 P5P B 10 0.17 4.40 -2.66
C2 P5P B 10 0.66 4.57 -1.43
N3 P5P B 10 0.97 3.65 -0.53
C4 P5P B 10 0.72 2.39 -0.99
C5 P5P B 10 0.21 2.06 -2.21
C6 P5P B 10 -0.05 3.14 -3.09
N7 P5P B 10 0.02 0.68 -2.32
C8 P5P B 10 0.45 0.23 -1.18
N9 P5P B 10 0.91 1.20 -0.32
C1' P5P B 10 1.48 1.08 1.04
C2' P5P B 10 0.42 1.34 2.10
O2' P5P B 10 1.02 1.93 3.23
C3' P5P B 10 -0.07 -0.08 2.41
O3' P5P B 10 -0.70 -0.17 3.68
C4' P5P B 10 1.23 -0.85 2.31
O4' P5P B 10 1.97 -0.25 1.25
C5' P5P B 10 1.05 -2.36 2.08
O5' P5P B 10 0.30 -2.59 0.91
P P5P B 10 -0.09 -4.07 0.40
OP1 P5P B 10 -0.33 -4.91 1.60
OP2 P5P B 10 -1.13 -3.94 -0.63
H2 P5P B 10 0.84 5.60 -1.13
H6 P5P B 10 -0.44 2.97 -4.08
H8 P5P B 10 0.43 -0.83 -0.92
H1' P5P B 10 2.29 1.79 1.16
H2' P5P B 10 -0.39 1.97 1.73
HO2' P5P B 10 0.55 1.61 4.01
H3' P5P B 10 -0.76 -0.40 1.62
HO3' P5P B 10 -1.62 0.10 3.59
H4' P5P B 10 1.80 -0.71 3.23
H5'1 P5P B 10 2.02 -2.85 2.01
H5'2 P5P B 10 0.51 -2.78 2.94
#